data_3MEP
#
_entry.id   3MEP
#
_cell.length_a   100.179
_cell.length_b   41.930
_cell.length_c   148.639
_cell.angle_alpha   90.000
_cell.angle_beta   105.620
_cell.angle_gamma   90.000
#
_symmetry.space_group_name_H-M   'C 1 2 1'
#
loop_
_entity.id
_entity.type
_entity.pdbx_description
1 polymer 'uncharacterized protein ECA2234'
2 water water
#
_entity_poly.entity_id   1
_entity_poly.type   'polypeptide(L)'
_entity_poly.pdbx_seq_one_letter_code
;PEQNTWINRPEYSEVSEDRIVIVSDANTDFWENTYYDFSHYTGHVYGKETESDFTFQVRVKADFSALYDQAGIFIGGTET
AWIKAGIEFNDGQPSIGCVVTNNNSDWSTGLFPGNPGDFW(MSE)RVTSKSDVIRIQYSIDGKNWPLLRLCTWPGTRKRF
IGV(MSE)CCSPKRKGLSAEFTEILLTTPLDSDLHDLSLEHHHHHH
;
_entity_poly.pdbx_strand_id   A,B,C
#
# COMPACT_ATOMS: atom_id res chain seq x y z
N GLN A 3 13.01 17.14 -4.00
CA GLN A 3 13.63 16.14 -4.91
C GLN A 3 15.06 15.81 -4.52
N ASN A 4 15.48 14.57 -4.80
CA ASN A 4 16.84 14.14 -4.47
C ASN A 4 17.90 14.81 -5.31
N THR A 5 19.02 15.08 -4.68
CA THR A 5 20.13 15.76 -5.31
C THR A 5 21.45 15.30 -4.70
N TRP A 6 22.56 15.71 -5.31
CA TRP A 6 23.90 15.32 -4.85
C TRP A 6 24.66 16.41 -4.12
N ILE A 7 25.63 15.97 -3.32
CA ILE A 7 26.59 16.83 -2.63
C ILE A 7 27.85 16.17 -3.20
N ASN A 8 28.62 16.90 -4.01
CA ASN A 8 29.82 16.33 -4.64
C ASN A 8 29.46 15.11 -5.48
N ARG A 9 28.69 15.33 -6.55
CA ARG A 9 28.30 14.23 -7.40
C ARG A 9 29.54 13.54 -7.99
N PRO A 10 29.57 12.19 -7.91
CA PRO A 10 30.65 11.34 -8.40
C PRO A 10 30.65 11.17 -9.92
N GLU A 11 31.78 10.77 -10.48
CA GLU A 11 31.88 10.55 -11.91
C GLU A 11 30.99 9.40 -12.34
N TYR A 12 31.02 8.31 -11.59
CA TYR A 12 30.20 7.14 -11.91
C TYR A 12 29.18 6.88 -10.82
N SER A 13 27.97 6.50 -11.23
CA SER A 13 26.90 6.21 -10.29
C SER A 13 25.67 5.64 -11.00
N GLU A 14 24.68 5.23 -10.21
CA GLU A 14 23.43 4.68 -10.72
C GLU A 14 22.35 5.10 -9.76
N VAL A 15 21.23 5.58 -10.29
CA VAL A 15 20.13 6.00 -9.45
C VAL A 15 18.84 5.41 -9.99
N SER A 16 18.31 4.40 -9.30
CA SER A 16 17.07 3.74 -9.70
C SER A 16 16.00 4.10 -8.68
N GLU A 17 14.78 3.61 -8.86
CA GLU A 17 13.72 3.95 -7.92
C GLU A 17 13.96 3.36 -6.54
N ASP A 18 14.60 2.20 -6.48
CA ASP A 18 14.85 1.56 -5.20
C ASP A 18 16.28 1.01 -5.07
N ARG A 19 17.23 1.69 -5.69
CA ARG A 19 18.63 1.29 -5.62
C ARG A 19 19.55 2.43 -6.03
N ILE A 20 20.60 2.64 -5.24
CA ILE A 20 21.55 3.70 -5.52
C ILE A 20 22.99 3.17 -5.41
N VAL A 21 23.76 3.38 -6.46
CA VAL A 21 25.15 2.96 -6.49
C VAL A 21 26.07 4.16 -6.60
N ILE A 22 27.00 4.28 -5.67
CA ILE A 22 27.95 5.37 -5.69
C ILE A 22 29.36 4.81 -5.85
N VAL A 23 30.05 5.27 -6.89
CA VAL A 23 31.44 4.85 -7.10
C VAL A 23 32.26 6.09 -6.76
N SER A 24 33.06 5.99 -5.72
CA SER A 24 33.85 7.13 -5.27
C SER A 24 34.90 7.63 -6.24
N ASP A 25 35.16 8.93 -6.17
CA ASP A 25 36.18 9.55 -6.99
C ASP A 25 37.45 9.50 -6.13
N ALA A 26 38.60 9.84 -6.71
CA ALA A 26 39.86 9.79 -5.98
C ALA A 26 39.96 10.74 -4.79
N ASN A 27 40.53 10.24 -3.69
CA ASN A 27 40.75 11.03 -2.49
C ASN A 27 39.56 11.87 -2.03
N THR A 28 38.45 11.21 -1.79
CA THR A 28 37.24 11.88 -1.33
C THR A 28 37.04 11.62 0.16
N ASP A 29 36.59 12.63 0.90
CA ASP A 29 36.42 12.46 2.34
C ASP A 29 35.66 13.60 3.03
N PHE A 30 35.33 13.40 4.30
CA PHE A 30 34.62 14.40 5.09
C PHE A 30 35.32 14.54 6.44
N TRP A 31 35.91 15.70 6.69
CA TRP A 31 36.60 15.93 7.95
C TRP A 31 36.86 17.41 8.14
N GLU A 32 36.75 17.87 9.37
CA GLU A 32 36.92 19.28 9.66
C GLU A 32 37.88 19.61 10.81
N ASN A 33 39.08 20.09 10.45
CA ASN A 33 40.11 20.54 11.40
C ASN A 33 40.75 19.60 12.42
N THR A 34 39.95 19.17 13.39
CA THR A 34 40.40 18.32 14.49
C THR A 34 41.61 17.41 14.23
N TYR A 35 42.70 17.69 14.95
CA TYR A 35 43.93 16.92 14.87
C TYR A 35 44.68 16.91 13.53
N TYR A 36 44.04 16.44 12.47
CA TYR A 36 44.67 16.36 11.15
C TYR A 36 44.99 17.71 10.50
N ASP A 37 44.29 18.75 10.95
CA ASP A 37 44.50 20.11 10.45
C ASP A 37 44.17 20.37 8.98
N PHE A 38 43.24 19.61 8.43
CA PHE A 38 42.80 19.84 7.07
C PHE A 38 41.28 19.83 7.04
N SER A 39 40.73 20.44 6.01
CA SER A 39 39.28 20.50 5.87
C SER A 39 38.88 19.78 4.59
N HIS A 40 38.32 18.59 4.71
CA HIS A 40 37.88 17.83 3.54
C HIS A 40 36.35 17.86 3.45
N TYR A 41 35.84 18.17 2.27
CA TYR A 41 34.39 18.20 2.03
C TYR A 41 34.21 17.76 0.58
N THR A 42 34.72 16.57 0.28
CA THR A 42 34.66 16.04 -1.07
C THR A 42 33.97 14.69 -1.17
N GLY A 43 33.42 14.22 -0.05
CA GLY A 43 32.72 12.94 -0.07
C GLY A 43 31.44 13.01 -0.88
N HIS A 44 30.96 11.86 -1.34
CA HIS A 44 29.74 11.79 -2.14
C HIS A 44 28.50 11.48 -1.31
N VAL A 45 27.45 12.25 -1.52
CA VAL A 45 26.20 12.05 -0.81
C VAL A 45 25.02 12.23 -1.76
N TYR A 46 24.07 11.30 -1.70
CA TYR A 46 22.90 11.38 -2.52
C TYR A 46 21.70 11.33 -1.60
N GLY A 47 20.87 12.37 -1.66
CA GLY A 47 19.70 12.41 -0.80
C GLY A 47 18.81 13.61 -1.07
N LYS A 48 18.23 14.16 -0.02
CA LYS A 48 17.35 15.31 -0.16
C LYS A 48 17.23 16.12 1.13
N GLU A 49 16.88 17.39 0.97
CA GLU A 49 16.70 18.27 2.11
C GLU A 49 15.31 18.12 2.67
N THR A 50 15.22 18.22 3.99
CA THR A 50 13.95 18.12 4.68
C THR A 50 14.03 19.07 5.88
N GLU A 51 12.89 19.62 6.28
CA GLU A 51 12.85 20.52 7.42
C GLU A 51 11.98 19.97 8.52
N SER A 52 11.69 18.67 8.46
CA SER A 52 10.86 18.04 9.47
C SER A 52 11.58 16.83 10.05
N ASP A 53 11.06 16.33 11.17
CA ASP A 53 11.65 15.17 11.83
C ASP A 53 11.55 13.99 10.88
N PHE A 54 12.39 12.99 11.08
CA PHE A 54 12.38 11.83 10.20
C PHE A 54 13.17 10.68 10.75
N THR A 55 13.00 9.52 10.12
CA THR A 55 13.75 8.32 10.44
C THR A 55 14.20 7.84 9.08
N PHE A 56 15.51 7.69 8.92
CA PHE A 56 16.09 7.24 7.67
C PHE A 56 16.75 5.89 7.90
N GLN A 57 16.55 4.97 6.97
CA GLN A 57 17.12 3.64 7.11
C GLN A 57 17.58 3.17 5.73
N VAL A 58 18.70 2.45 5.69
CA VAL A 58 19.24 2.00 4.42
C VAL A 58 20.12 0.76 4.60
N ARG A 59 20.16 -0.09 3.59
CA ARG A 59 21.00 -1.28 3.63
C ARG A 59 22.19 -0.98 2.73
N VAL A 60 23.40 -1.15 3.26
CA VAL A 60 24.63 -0.85 2.53
C VAL A 60 25.45 -2.06 2.13
N LYS A 61 25.87 -2.10 0.87
CA LYS A 61 26.70 -3.20 0.36
C LYS A 61 27.87 -2.65 -0.44
N ALA A 62 29.01 -2.48 0.22
CA ALA A 62 30.21 -1.95 -0.45
C ALA A 62 31.40 -2.90 -0.31
N ASP A 63 32.35 -2.76 -1.23
CA ASP A 63 33.56 -3.59 -1.26
C ASP A 63 34.76 -2.87 -0.65
N PHE A 64 34.77 -2.76 0.67
CA PHE A 64 35.83 -2.08 1.39
C PHE A 64 37.18 -2.75 1.18
N SER A 65 38.24 -1.97 1.02
CA SER A 65 39.57 -2.57 0.81
C SER A 65 40.72 -1.63 1.13
N ALA A 66 40.66 -0.40 0.64
CA ALA A 66 41.71 0.56 0.89
C ALA A 66 41.50 1.27 2.22
N LEU A 67 42.61 1.74 2.79
CA LEU A 67 42.56 2.43 4.06
C LEU A 67 41.58 3.62 4.02
N TYR A 68 40.76 3.71 5.07
CA TYR A 68 39.77 4.77 5.22
C TYR A 68 38.56 4.74 4.31
N ASP A 69 38.33 3.62 3.63
CA ASP A 69 37.16 3.48 2.77
C ASP A 69 35.92 3.62 3.66
N GLN A 70 34.99 4.48 3.24
CA GLN A 70 33.78 4.72 4.02
C GLN A 70 32.51 4.59 3.21
N ALA A 71 31.46 4.10 3.85
CA ALA A 71 30.15 3.97 3.21
C ALA A 71 29.13 3.95 4.33
N GLY A 72 28.06 4.71 4.17
CA GLY A 72 27.04 4.77 5.19
C GLY A 72 26.05 5.89 4.93
N ILE A 73 25.79 6.70 5.95
CA ILE A 73 24.83 7.79 5.82
C ILE A 73 25.44 9.14 6.14
N PHE A 74 24.78 10.20 5.71
CA PHE A 74 25.27 11.56 5.93
C PHE A 74 24.09 12.48 6.26
N ILE A 75 24.34 13.45 7.12
CA ILE A 75 23.30 14.43 7.49
C ILE A 75 23.96 15.80 7.45
N GLY A 76 23.61 16.60 6.46
CA GLY A 76 24.23 17.91 6.31
C GLY A 76 23.43 19.15 6.68
N GLY A 77 24.15 20.14 7.20
CA GLY A 77 23.54 21.41 7.58
C GLY A 77 24.27 22.45 6.76
N THR A 78 25.59 22.52 6.95
CA THR A 78 26.44 23.44 6.21
C THR A 78 27.74 22.67 6.04
N GLU A 79 28.77 23.31 5.48
CA GLU A 79 30.04 22.64 5.28
C GLU A 79 30.82 22.47 6.58
N THR A 80 30.36 23.16 7.62
CA THR A 80 31.00 23.08 8.93
C THR A 80 30.00 22.58 9.99
N ALA A 81 28.88 22.03 9.53
CA ALA A 81 27.86 21.49 10.42
C ALA A 81 27.24 20.30 9.71
N TRP A 82 27.69 19.11 10.08
CA TRP A 82 27.20 17.88 9.46
C TRP A 82 27.54 16.66 10.31
N ILE A 83 27.05 15.51 9.89
CA ILE A 83 27.26 14.27 10.62
C ILE A 83 27.34 13.11 9.63
N LYS A 84 28.31 12.22 9.81
CA LYS A 84 28.42 11.06 8.94
C LYS A 84 28.57 9.83 9.84
N ALA A 85 28.17 8.67 9.34
CA ALA A 85 28.29 7.44 10.12
C ALA A 85 28.22 6.21 9.22
N GLY A 86 28.96 5.17 9.58
CA GLY A 86 28.97 3.94 8.81
C GLY A 86 30.25 3.17 9.04
N ILE A 87 30.59 2.26 8.13
CA ILE A 87 31.80 1.46 8.24
C ILE A 87 33.00 2.22 7.69
N GLU A 88 34.17 1.93 8.25
CA GLU A 88 35.39 2.55 7.78
C GLU A 88 36.50 1.52 7.88
N PHE A 89 37.20 1.29 6.78
CA PHE A 89 38.29 0.30 6.78
C PHE A 89 39.55 0.92 7.36
N ASN A 90 40.31 0.11 8.10
CA ASN A 90 41.54 0.57 8.72
C ASN A 90 42.36 -0.63 9.22
N ASP A 91 43.65 -0.65 8.92
CA ASP A 91 44.52 -1.74 9.32
C ASP A 91 43.79 -3.09 9.24
N GLY A 92 43.13 -3.29 8.11
CA GLY A 92 42.41 -4.52 7.81
C GLY A 92 41.01 -4.55 8.39
N GLN A 93 40.96 -4.78 9.71
CA GLN A 93 39.70 -4.85 10.43
C GLN A 93 38.75 -3.70 10.10
N PRO A 94 37.44 -3.99 9.96
CA PRO A 94 36.46 -2.95 9.67
C PRO A 94 35.84 -2.41 10.96
N SER A 95 35.66 -1.10 11.03
CA SER A 95 35.08 -0.46 12.20
C SER A 95 33.77 0.25 11.90
N ILE A 96 32.93 0.39 12.93
CA ILE A 96 31.66 1.11 12.79
C ILE A 96 31.85 2.36 13.62
N GLY A 97 31.56 3.51 13.04
CA GLY A 97 31.74 4.73 13.78
C GLY A 97 30.89 5.87 13.29
N CYS A 98 31.17 7.04 13.85
CA CYS A 98 30.41 8.22 13.50
C CYS A 98 31.25 9.46 13.73
N VAL A 99 30.97 10.51 12.97
CA VAL A 99 31.65 11.78 13.11
C VAL A 99 30.62 12.88 13.14
N VAL A 100 30.61 13.64 14.23
CA VAL A 100 29.68 14.76 14.39
C VAL A 100 30.53 16.02 14.27
N THR A 101 30.22 16.83 13.26
CA THR A 101 30.97 18.05 13.01
C THR A 101 30.16 19.30 13.26
N ASN A 102 30.55 20.01 14.31
CA ASN A 102 29.92 21.26 14.69
C ASN A 102 31.10 22.22 14.71
N ASN A 103 31.45 22.73 13.54
CA ASN A 103 32.60 23.63 13.37
C ASN A 103 33.87 22.77 13.41
N ASN A 104 33.87 21.77 14.29
CA ASN A 104 34.99 20.85 14.42
C ASN A 104 34.49 19.42 14.48
N SER A 105 35.23 18.50 13.87
CA SER A 105 34.84 17.10 13.86
C SER A 105 35.13 16.39 15.18
N ASP A 106 34.14 15.63 15.63
CA ASP A 106 34.23 14.86 16.86
C ASP A 106 33.91 13.44 16.48
N TRP A 107 34.92 12.57 16.37
CA TRP A 107 34.59 11.22 15.99
C TRP A 107 34.82 10.10 16.97
N SER A 108 33.91 9.14 16.89
CA SER A 108 33.93 7.98 17.75
C SER A 108 33.99 6.79 16.83
N THR A 109 34.59 5.71 17.30
CA THR A 109 34.72 4.51 16.48
C THR A 109 34.69 3.30 17.37
N GLY A 110 34.63 2.12 16.76
CA GLY A 110 34.60 0.90 17.52
C GLY A 110 34.47 -0.34 16.67
N LEU A 111 34.39 -1.49 17.33
CA LEU A 111 34.26 -2.78 16.67
C LEU A 111 32.95 -2.98 15.91
N PHE A 112 33.05 -3.58 14.73
CA PHE A 112 31.87 -3.90 13.94
C PHE A 112 31.88 -5.42 13.87
N PRO A 113 30.85 -6.07 14.44
CA PRO A 113 30.75 -7.53 14.44
C PRO A 113 30.17 -8.18 13.19
N GLY A 114 29.19 -7.53 12.56
CA GLY A 114 28.55 -8.09 11.38
C GLY A 114 29.39 -8.29 10.13
N ASN A 115 28.69 -8.40 8.99
CA ASN A 115 29.30 -8.58 7.68
C ASN A 115 29.58 -7.19 7.09
N PRO A 116 30.86 -6.79 7.06
CA PRO A 116 31.21 -5.47 6.52
C PRO A 116 30.63 -5.14 5.13
N GLY A 117 30.30 -6.16 4.36
CA GLY A 117 29.76 -5.91 3.04
C GLY A 117 28.25 -5.98 2.94
N ASP A 118 27.56 -5.94 4.08
CA ASP A 118 26.10 -5.99 4.08
C ASP A 118 25.58 -5.64 5.47
N PHE A 119 25.25 -4.37 5.68
CA PHE A 119 24.74 -3.92 6.97
C PHE A 119 23.69 -2.83 6.80
N TRP A 120 23.04 -2.46 7.89
CA TRP A 120 22.01 -1.43 7.86
C TRP A 120 22.37 -0.24 8.74
N ARG A 122 20.51 3.42 10.53
CA ARG A 122 19.24 4.08 10.84
C ARG A 122 19.55 5.39 11.54
N VAL A 123 18.92 6.46 11.08
CA VAL A 123 19.11 7.77 11.68
C VAL A 123 17.75 8.31 12.04
N THR A 124 17.60 8.77 13.27
CA THR A 124 16.34 9.34 13.71
C THR A 124 16.62 10.75 14.14
N SER A 125 15.86 11.68 13.57
CA SER A 125 16.04 13.09 13.89
C SER A 125 14.70 13.68 14.29
N LYS A 126 14.44 13.74 15.60
CA LYS A 126 13.21 14.33 16.08
C LYS A 126 13.60 15.41 17.07
N SER A 127 13.03 16.59 16.87
CA SER A 127 13.34 17.74 17.70
C SER A 127 14.74 18.13 17.26
N ASP A 128 15.65 18.30 18.22
CA ASP A 128 17.02 18.67 17.89
C ASP A 128 17.94 17.53 18.22
N VAL A 129 17.36 16.35 18.39
CA VAL A 129 18.11 15.15 18.71
C VAL A 129 18.39 14.27 17.48
N ILE A 130 19.58 13.67 17.49
CA ILE A 130 20.00 12.77 16.42
C ILE A 130 20.38 11.47 17.11
N ARG A 131 19.76 10.38 16.70
CA ARG A 131 20.03 9.05 17.24
C ARG A 131 20.49 8.22 16.06
N ILE A 132 21.69 7.67 16.14
CA ILE A 132 22.23 6.86 15.05
C ILE A 132 22.43 5.42 15.52
N GLN A 133 21.87 4.49 14.77
CA GLN A 133 21.97 3.06 15.08
C GLN A 133 22.40 2.29 13.85
N TYR A 134 22.85 1.06 14.04
CA TYR A 134 23.24 0.22 12.93
C TYR A 134 22.68 -1.18 13.19
N SER A 135 22.75 -2.03 12.19
CA SER A 135 22.26 -3.39 12.34
C SER A 135 23.07 -4.32 11.46
N ILE A 136 23.26 -5.55 11.91
CA ILE A 136 24.03 -6.52 11.14
C ILE A 136 23.10 -7.58 10.60
N ASP A 137 21.85 -7.56 11.03
CA ASP A 137 20.90 -8.57 10.58
C ASP A 137 19.57 -7.99 10.16
N GLY A 138 19.44 -6.65 10.22
CA GLY A 138 18.19 -6.01 9.84
C GLY A 138 17.09 -6.16 10.90
N LYS A 139 17.43 -6.77 12.04
CA LYS A 139 16.46 -6.98 13.11
C LYS A 139 16.82 -6.23 14.39
N ASN A 140 18.10 -6.30 14.77
CA ASN A 140 18.58 -5.62 15.98
C ASN A 140 19.31 -4.34 15.62
N TRP A 141 18.94 -3.26 16.31
CA TRP A 141 19.56 -1.95 16.05
C TRP A 141 20.27 -1.31 17.22
N PRO A 142 21.51 -1.73 17.49
CA PRO A 142 22.27 -1.15 18.60
C PRO A 142 22.55 0.33 18.37
N LEU A 143 22.66 1.08 19.46
CA LEU A 143 22.92 2.51 19.39
C LEU A 143 24.37 2.73 19.02
N LEU A 144 24.62 3.79 18.26
CA LEU A 144 25.97 4.12 17.82
C LEU A 144 26.35 5.50 18.36
N ARG A 145 25.44 6.46 18.18
CA ARG A 145 25.67 7.81 18.64
C ARG A 145 24.33 8.50 18.96
N LEU A 146 24.36 9.37 19.97
CA LEU A 146 23.20 10.15 20.40
C LEU A 146 23.69 11.54 20.77
N CYS A 147 23.31 12.54 19.97
CA CYS A 147 23.72 13.92 20.22
C CYS A 147 22.60 14.86 19.79
N THR A 148 22.88 16.16 19.81
CA THR A 148 21.90 17.14 19.39
C THR A 148 22.43 17.74 18.09
N TRP A 149 21.53 17.97 17.13
CA TRP A 149 21.87 18.51 15.81
C TRP A 149 22.64 19.84 15.87
N PRO A 150 23.80 19.91 15.17
CA PRO A 150 24.61 21.13 15.17
C PRO A 150 24.21 22.15 14.11
N GLY A 151 23.34 21.75 13.20
CA GLY A 151 22.91 22.64 12.14
C GLY A 151 21.63 23.41 12.42
N THR A 152 20.91 23.76 11.36
CA THR A 152 19.66 24.51 11.49
C THR A 152 18.43 23.66 11.15
N ARG A 153 17.39 24.31 10.66
CA ARG A 153 16.16 23.64 10.27
C ARG A 153 16.35 22.67 9.12
N LYS A 154 16.93 23.18 8.03
CA LYS A 154 17.17 22.36 6.84
C LYS A 154 18.26 21.34 7.07
N ARG A 155 17.89 20.06 6.96
CA ARG A 155 18.83 18.96 7.14
C ARG A 155 18.82 18.16 5.84
N PHE A 156 20.01 17.84 5.33
CA PHE A 156 20.14 17.07 4.11
C PHE A 156 20.43 15.64 4.55
N ILE A 157 19.52 14.72 4.26
CA ILE A 157 19.67 13.34 4.66
C ILE A 157 19.89 12.42 3.46
N GLY A 158 20.90 11.55 3.53
CA GLY A 158 21.16 10.67 2.40
C GLY A 158 22.24 9.62 2.59
N VAL A 159 22.53 8.89 1.52
CA VAL A 159 23.54 7.84 1.55
C VAL A 159 24.90 8.42 1.16
N CYS A 161 29.42 7.75 0.45
CA CYS A 161 30.53 6.88 0.08
C CYS A 161 31.84 7.71 -0.02
N CYS A 162 32.93 7.23 0.59
CA CYS A 162 34.23 7.92 0.59
C CYS A 162 35.43 7.06 0.28
N SER A 163 36.40 7.64 -0.42
CA SER A 163 37.65 6.97 -0.78
C SER A 163 38.80 7.92 -0.49
N PRO A 164 39.14 8.10 0.80
CA PRO A 164 40.23 9.01 1.18
C PRO A 164 41.60 8.70 0.57
N LYS A 165 41.93 7.42 0.43
CA LYS A 165 43.23 7.05 -0.11
C LYS A 165 43.18 6.31 -1.44
N ARG A 166 41.99 6.15 -2.01
CA ARG A 166 41.86 5.44 -3.28
C ARG A 166 40.77 6.06 -4.15
N LYS A 167 40.31 5.26 -5.09
CA LYS A 167 39.27 5.63 -6.03
C LYS A 167 38.52 4.35 -6.41
N GLY A 168 37.23 4.46 -6.68
CA GLY A 168 36.47 3.30 -7.09
C GLY A 168 35.67 2.50 -6.08
N LEU A 169 35.64 2.90 -4.81
CA LEU A 169 34.84 2.13 -3.86
C LEU A 169 33.41 2.19 -4.35
N SER A 170 32.84 1.03 -4.67
CA SER A 170 31.46 0.97 -5.14
C SER A 170 30.51 0.57 -4.02
N ALA A 171 29.56 1.45 -3.72
CA ALA A 171 28.62 1.19 -2.65
C ALA A 171 27.19 1.13 -3.15
N GLU A 172 26.49 0.05 -2.83
CA GLU A 172 25.09 -0.13 -3.25
C GLU A 172 24.16 0.12 -2.05
N PHE A 173 23.16 0.97 -2.25
CA PHE A 173 22.21 1.29 -1.20
C PHE A 173 20.82 0.82 -1.62
N THR A 174 20.20 -0.02 -0.80
CA THR A 174 18.86 -0.52 -1.10
C THR A 174 17.97 -0.41 0.13
N GLU A 175 16.72 -0.83 -0.02
CA GLU A 175 15.78 -0.78 1.10
C GLU A 175 15.82 0.57 1.80
N ILE A 176 15.91 1.63 1.01
CA ILE A 176 15.94 2.99 1.52
C ILE A 176 14.56 3.37 1.99
N LEU A 177 14.50 3.95 3.18
CA LEU A 177 13.22 4.37 3.74
C LEU A 177 13.36 5.63 4.56
N LEU A 178 12.85 6.72 4.02
CA LEU A 178 12.86 8.00 4.71
C LEU A 178 11.42 8.23 5.18
N THR A 179 11.23 8.45 6.47
CA THR A 179 9.88 8.63 6.99
C THR A 179 9.78 9.35 8.33
N THR A 180 8.56 9.45 8.87
CA THR A 180 8.36 10.10 10.14
C THR A 180 9.10 9.27 11.18
N PRO A 181 9.62 9.90 12.21
CA PRO A 181 10.35 9.14 13.24
C PRO A 181 9.55 8.02 13.89
N ASN B 4 -26.75 12.55 -21.86
CA ASN B 4 -26.57 13.95 -22.32
C ASN B 4 -25.16 14.19 -22.89
N THR B 5 -24.11 13.99 -22.10
CA THR B 5 -22.74 14.23 -22.59
C THR B 5 -21.77 13.06 -22.53
N TRP B 6 -20.53 13.33 -22.92
CA TRP B 6 -19.47 12.33 -22.96
C TRP B 6 -18.22 12.67 -22.15
N ILE B 7 -17.53 11.63 -21.71
CA ILE B 7 -16.24 11.80 -21.03
C ILE B 7 -15.33 11.04 -22.00
N ASN B 8 -14.47 11.79 -22.69
CA ASN B 8 -13.56 11.22 -23.69
C ASN B 8 -14.32 10.46 -24.78
N ARG B 9 -15.21 11.18 -25.47
CA ARG B 9 -16.00 10.61 -26.56
C ARG B 9 -15.07 9.84 -27.51
N PRO B 10 -15.36 8.55 -27.75
CA PRO B 10 -14.52 7.74 -28.63
C PRO B 10 -14.67 8.09 -30.09
N GLU B 11 -13.75 7.57 -30.88
CA GLU B 11 -13.78 7.81 -32.29
C GLU B 11 -15.04 7.20 -32.88
N TYR B 12 -15.35 5.97 -32.49
CA TYR B 12 -16.54 5.29 -33.00
C TYR B 12 -17.54 5.05 -31.89
N SER B 13 -18.83 5.22 -32.20
CA SER B 13 -19.89 4.99 -31.22
C SER B 13 -21.28 5.10 -31.85
N GLU B 14 -22.29 4.76 -31.07
CA GLU B 14 -23.67 4.84 -31.51
C GLU B 14 -24.50 5.25 -30.31
N VAL B 15 -25.39 6.20 -30.51
CA VAL B 15 -26.25 6.65 -29.43
C VAL B 15 -27.69 6.71 -29.91
N SER B 16 -28.50 5.73 -29.48
CA SER B 16 -29.92 5.66 -29.86
C SER B 16 -30.72 5.99 -28.63
N GLU B 17 -32.05 5.98 -28.77
CA GLU B 17 -32.90 6.31 -27.61
C GLU B 17 -32.83 5.26 -26.50
N ASP B 18 -32.63 4.00 -26.89
CA ASP B 18 -32.54 2.93 -25.91
C ASP B 18 -31.38 1.96 -26.15
N ARG B 19 -30.29 2.46 -26.69
CA ARG B 19 -29.11 1.65 -26.96
C ARG B 19 -27.87 2.51 -27.15
N ILE B 20 -26.78 2.11 -26.52
CA ILE B 20 -25.52 2.85 -26.62
C ILE B 20 -24.37 1.91 -26.90
N VAL B 21 -23.60 2.21 -27.95
CA VAL B 21 -22.46 1.39 -28.31
C VAL B 21 -21.19 2.22 -28.20
N ILE B 22 -20.24 1.72 -27.44
CA ILE B 22 -18.97 2.40 -27.28
C ILE B 22 -17.85 1.51 -27.80
N VAL B 23 -17.07 2.04 -28.74
CA VAL B 23 -15.93 1.31 -29.28
C VAL B 23 -14.73 2.04 -28.73
N SER B 24 -13.97 1.37 -27.89
CA SER B 24 -12.81 1.99 -27.26
C SER B 24 -11.70 2.43 -28.20
N ASP B 25 -11.00 3.49 -27.80
CA ASP B 25 -9.86 4.01 -28.55
C ASP B 25 -8.66 3.29 -27.94
N ALA B 26 -7.50 3.41 -28.56
CA ALA B 26 -6.28 2.75 -28.08
C ALA B 26 -5.82 3.18 -26.70
N ASN B 27 -5.39 2.20 -25.91
CA ASN B 27 -4.87 2.43 -24.57
C ASN B 27 -5.67 3.41 -23.71
N THR B 28 -6.94 3.08 -23.50
CA THR B 28 -7.82 3.90 -22.69
C THR B 28 -8.03 3.25 -21.33
N ASP B 29 -8.07 4.05 -20.28
CA ASP B 29 -8.22 3.49 -18.94
C ASP B 29 -8.50 4.52 -17.84
N PHE B 30 -8.81 4.03 -16.65
CA PHE B 30 -9.09 4.90 -15.49
C PHE B 30 -8.33 4.35 -14.28
N TRP B 31 -7.38 5.12 -13.80
CA TRP B 31 -6.59 4.70 -12.66
C TRP B 31 -5.82 5.88 -12.09
N GLU B 32 -5.72 5.92 -10.76
CA GLU B 32 -5.05 7.03 -10.11
C GLU B 32 -3.98 6.64 -9.08
N ASN B 33 -2.72 6.82 -9.47
CA ASN B 33 -1.55 6.60 -8.60
C ASN B 33 -1.23 5.23 -8.01
N THR B 34 -2.09 4.78 -7.10
CA THR B 34 -1.90 3.52 -6.38
C THR B 34 -1.08 2.42 -7.07
N TYR B 35 0.05 2.11 -6.47
CA TYR B 35 0.96 1.08 -6.95
C TYR B 35 1.59 1.26 -8.34
N TYR B 36 0.77 1.39 -9.38
CA TYR B 36 1.28 1.54 -10.73
C TYR B 36 2.02 2.85 -11.01
N ASP B 37 1.75 3.85 -10.19
CA ASP B 37 2.38 5.16 -10.30
C ASP B 37 2.10 5.98 -11.56
N PHE B 38 0.93 5.77 -12.15
CA PHE B 38 0.54 6.56 -13.30
C PHE B 38 -0.89 7.03 -13.11
N SER B 39 -1.26 8.09 -13.81
CA SER B 39 -2.60 8.63 -13.71
C SER B 39 -3.27 8.54 -15.06
N HIS B 40 -4.22 7.61 -15.21
CA HIS B 40 -4.94 7.45 -16.45
C HIS B 40 -6.37 7.96 -16.31
N TYR B 41 -6.79 8.81 -17.24
CA TYR B 41 -8.14 9.35 -17.24
C TYR B 41 -8.54 9.46 -18.70
N THR B 42 -8.46 8.34 -19.42
CA THR B 42 -8.77 8.33 -20.83
C THR B 42 -9.90 7.38 -21.22
N GLY B 43 -10.53 6.77 -20.22
CA GLY B 43 -11.62 5.86 -20.51
C GLY B 43 -12.85 6.58 -21.06
N HIS B 44 -13.70 5.84 -21.76
CA HIS B 44 -14.90 6.43 -22.34
C HIS B 44 -16.14 6.26 -21.46
N VAL B 45 -16.87 7.35 -21.29
CA VAL B 45 -18.08 7.32 -20.47
C VAL B 45 -19.17 8.15 -21.14
N TYR B 46 -20.37 7.59 -21.21
CA TYR B 46 -21.48 8.31 -21.79
C TYR B 46 -22.59 8.34 -20.74
N GLY B 47 -23.01 9.54 -20.36
CA GLY B 47 -24.06 9.67 -19.36
C GLY B 47 -24.49 11.11 -19.12
N LYS B 48 -24.78 11.44 -17.87
CA LYS B 48 -25.22 12.79 -17.55
C LYS B 48 -24.99 13.13 -16.10
N GLU B 49 -24.88 14.42 -15.81
CA GLU B 49 -24.70 14.88 -14.45
C GLU B 49 -26.04 15.01 -13.75
N THR B 50 -26.03 14.71 -12.46
CA THR B 50 -27.22 14.79 -11.63
C THR B 50 -26.76 15.21 -10.24
N GLU B 51 -27.62 15.92 -9.53
CA GLU B 51 -27.28 16.37 -8.18
C GLU B 51 -28.23 15.78 -7.16
N SER B 52 -28.97 14.75 -7.56
CA SER B 52 -29.91 14.11 -6.67
C SER B 52 -29.63 12.62 -6.58
N ASP B 53 -30.24 11.98 -5.59
CA ASP B 53 -30.07 10.54 -5.41
C ASP B 53 -30.61 9.83 -6.62
N PHE B 54 -30.16 8.61 -6.85
CA PHE B 54 -30.61 7.87 -8.01
C PHE B 54 -30.23 6.39 -7.96
N THR B 55 -30.82 5.64 -8.87
CA THR B 55 -30.54 4.22 -9.03
C THR B 55 -30.35 4.08 -10.53
N PHE B 56 -29.17 3.59 -10.91
CA PHE B 56 -28.82 3.42 -12.31
C PHE B 56 -28.67 1.94 -12.57
N GLN B 57 -29.19 1.48 -13.69
CA GLN B 57 -29.11 0.08 -14.04
C GLN B 57 -28.92 -0.05 -15.53
N VAL B 58 -28.11 -1.01 -15.96
CA VAL B 58 -27.81 -1.18 -17.37
C VAL B 58 -27.41 -2.61 -17.70
N ARG B 59 -27.72 -3.07 -18.90
CA ARG B 59 -27.34 -4.41 -19.34
C ARG B 59 -26.16 -4.21 -20.30
N VAL B 60 -25.06 -4.92 -20.03
CA VAL B 60 -23.84 -4.79 -20.81
C VAL B 60 -23.50 -6.00 -21.66
N LYS B 61 -23.19 -5.76 -22.94
CA LYS B 61 -22.82 -6.82 -23.86
C LYS B 61 -21.56 -6.45 -24.65
N ALA B 62 -20.40 -6.87 -24.14
CA ALA B 62 -19.12 -6.56 -24.80
C ALA B 62 -18.33 -7.81 -25.13
N ASP B 63 -17.43 -7.67 -26.09
CA ASP B 63 -16.59 -8.77 -26.55
C ASP B 63 -15.19 -8.67 -25.95
N PHE B 64 -15.08 -9.02 -24.68
CA PHE B 64 -13.81 -8.97 -23.98
C PHE B 64 -12.80 -9.94 -24.58
N SER B 65 -11.53 -9.54 -24.66
CA SER B 65 -10.50 -10.41 -25.22
C SER B 65 -9.07 -10.04 -24.81
N ALA B 66 -8.73 -8.77 -24.92
CA ALA B 66 -7.41 -8.31 -24.56
C ALA B 66 -7.29 -8.05 -23.07
N LEU B 67 -6.07 -8.15 -22.57
CA LEU B 67 -5.81 -7.93 -21.16
C LEU B 67 -6.33 -6.57 -20.71
N TYR B 68 -7.02 -6.57 -19.58
CA TYR B 68 -7.58 -5.37 -18.96
C TYR B 68 -8.77 -4.73 -19.65
N ASP B 69 -9.40 -5.44 -20.58
CA ASP B 69 -10.57 -4.89 -21.24
C ASP B 69 -11.64 -4.66 -20.17
N GLN B 70 -12.24 -3.47 -20.17
CA GLN B 70 -13.26 -3.14 -19.19
C GLN B 70 -14.54 -2.60 -19.80
N ALA B 71 -15.66 -2.91 -19.16
CA ALA B 71 -16.96 -2.43 -19.60
C ALA B 71 -17.88 -2.48 -18.41
N GLY B 72 -18.63 -1.40 -18.18
CA GLY B 72 -19.52 -1.38 -17.05
C GLY B 72 -20.07 0.02 -16.80
N ILE B 73 -19.98 0.49 -15.57
CA ILE B 73 -20.52 1.80 -15.24
C ILE B 73 -19.46 2.71 -14.63
N PHE B 74 -19.73 4.01 -14.65
CA PHE B 74 -18.81 4.99 -14.11
C PHE B 74 -19.58 6.07 -13.36
N ILE B 75 -18.98 6.59 -12.30
CA ILE B 75 -19.59 7.66 -11.50
C ILE B 75 -18.49 8.69 -11.25
N GLY B 76 -18.60 9.84 -11.89
CA GLY B 76 -17.57 10.85 -11.74
C GLY B 76 -17.88 12.09 -10.92
N GLY B 77 -16.86 12.58 -10.24
CA GLY B 77 -16.96 13.78 -9.43
C GLY B 77 -15.96 14.77 -10.00
N THR B 78 -14.69 14.36 -10.01
CA THR B 78 -13.59 15.14 -10.56
C THR B 78 -12.65 14.11 -11.15
N GLU B 79 -11.50 14.54 -11.65
CA GLU B 79 -10.56 13.60 -12.24
C GLU B 79 -9.83 12.79 -11.18
N THR B 80 -9.95 13.22 -9.93
CA THR B 80 -9.32 12.50 -8.82
C THR B 80 -10.38 12.02 -7.80
N ALA B 81 -11.64 12.02 -8.23
CA ALA B 81 -12.74 11.57 -7.37
C ALA B 81 -13.76 10.95 -8.28
N TRP B 82 -13.71 9.61 -8.38
CA TRP B 82 -14.65 8.88 -9.22
C TRP B 82 -14.73 7.41 -8.83
N ILE B 83 -15.62 6.69 -9.49
CA ILE B 83 -15.81 5.27 -9.20
C ILE B 83 -16.18 4.54 -10.47
N LYS B 84 -15.57 3.38 -10.71
CA LYS B 84 -15.89 2.58 -11.89
C LYS B 84 -16.09 1.14 -11.42
N ALA B 85 -16.91 0.40 -12.15
CA ALA B 85 -17.18 -1.00 -11.80
C ALA B 85 -17.71 -1.78 -12.99
N GLY B 86 -17.35 -3.05 -13.06
CA GLY B 86 -17.82 -3.89 -14.16
C GLY B 86 -16.88 -5.06 -14.35
N ILE B 87 -16.91 -5.66 -15.54
CA ILE B 87 -16.05 -6.80 -15.84
C ILE B 87 -14.68 -6.32 -16.32
N GLU B 88 -13.66 -7.12 -16.06
CA GLU B 88 -12.31 -6.80 -16.51
C GLU B 88 -11.63 -8.11 -16.88
N PHE B 89 -11.11 -8.18 -18.10
CA PHE B 89 -10.44 -9.39 -18.56
C PHE B 89 -9.02 -9.44 -18.02
N ASN B 90 -8.55 -10.63 -17.67
CA ASN B 90 -7.21 -10.80 -17.15
C ASN B 90 -6.82 -12.27 -17.13
N ASP B 91 -5.60 -12.58 -17.54
CA ASP B 91 -5.16 -13.97 -17.54
C ASP B 91 -6.29 -14.86 -18.00
N GLY B 92 -6.88 -14.49 -19.13
CA GLY B 92 -7.97 -15.24 -19.72
C GLY B 92 -9.27 -15.07 -18.96
N GLN B 93 -9.33 -15.67 -17.78
CA GLN B 93 -10.51 -15.61 -16.92
C GLN B 93 -11.04 -14.18 -16.74
N PRO B 94 -12.36 -14.00 -16.76
CA PRO B 94 -12.95 -12.66 -16.59
C PRO B 94 -13.30 -12.42 -15.12
N SER B 95 -13.02 -11.21 -14.62
CA SER B 95 -13.31 -10.86 -13.23
C SER B 95 -14.32 -9.72 -13.12
N ILE B 96 -15.00 -9.66 -11.99
CA ILE B 96 -15.96 -8.60 -11.72
C ILE B 96 -15.35 -7.81 -10.58
N GLY B 97 -15.26 -6.51 -10.75
CA GLY B 97 -14.66 -5.70 -9.72
C GLY B 97 -15.09 -4.26 -9.72
N CYS B 98 -14.39 -3.48 -8.91
CA CYS B 98 -14.72 -2.09 -8.77
C CYS B 98 -13.49 -1.31 -8.30
N VAL B 99 -13.44 -0.04 -8.66
CA VAL B 99 -12.36 0.84 -8.25
C VAL B 99 -12.97 2.13 -7.76
N VAL B 100 -12.68 2.47 -6.51
CA VAL B 100 -13.16 3.69 -5.89
C VAL B 100 -11.95 4.61 -5.75
N THR B 101 -12.01 5.75 -6.42
CA THR B 101 -10.92 6.70 -6.41
C THR B 101 -11.24 7.99 -5.69
N ASN B 102 -10.59 8.15 -4.55
CA ASN B 102 -10.73 9.34 -3.72
C ASN B 102 -9.29 9.82 -3.59
N ASN B 103 -8.85 10.56 -4.60
CA ASN B 103 -7.48 11.06 -4.67
C ASN B 103 -6.58 9.89 -5.08
N ASN B 104 -6.87 8.72 -4.53
CA ASN B 104 -6.11 7.51 -4.85
C ASN B 104 -7.07 6.37 -5.13
N SER B 105 -6.70 5.51 -6.07
CA SER B 105 -7.54 4.38 -6.45
C SER B 105 -7.46 3.22 -5.47
N ASP B 106 -8.62 2.70 -5.12
CA ASP B 106 -8.75 1.58 -4.20
C ASP B 106 -9.54 0.53 -4.95
N TRP B 107 -8.89 -0.51 -5.45
CA TRP B 107 -9.66 -1.50 -6.17
C TRP B 107 -9.78 -2.88 -5.59
N SER B 108 -10.96 -3.45 -5.82
CA SER B 108 -11.31 -4.78 -5.35
C SER B 108 -11.69 -5.56 -6.59
N THR B 109 -11.49 -6.86 -6.54
CA THR B 109 -11.81 -7.69 -7.69
C THR B 109 -12.19 -9.07 -7.21
N GLY B 110 -12.70 -9.88 -8.12
CA GLY B 110 -13.09 -11.22 -7.76
C GLY B 110 -13.65 -12.00 -8.93
N LEU B 111 -14.08 -13.23 -8.62
CA LEU B 111 -14.66 -14.13 -9.60
C LEU B 111 -15.99 -13.66 -10.18
N PHE B 112 -16.17 -13.86 -11.47
CA PHE B 112 -17.41 -13.52 -12.15
C PHE B 112 -17.91 -14.86 -12.67
N PRO B 113 -19.06 -15.32 -12.17
CA PRO B 113 -19.64 -16.60 -12.60
C PRO B 113 -20.47 -16.58 -13.89
N GLY B 114 -21.19 -15.50 -14.12
CA GLY B 114 -22.03 -15.42 -15.30
C GLY B 114 -21.37 -15.45 -16.67
N ASN B 115 -22.11 -14.95 -17.66
CA ASN B 115 -21.67 -14.86 -19.06
C ASN B 115 -20.96 -13.51 -19.24
N PRO B 116 -19.62 -13.53 -19.35
CA PRO B 116 -18.86 -12.28 -19.51
C PRO B 116 -19.36 -11.37 -20.63
N GLY B 117 -20.05 -11.94 -21.62
CA GLY B 117 -20.55 -11.13 -22.72
C GLY B 117 -21.99 -10.67 -22.61
N ASP B 118 -22.58 -10.82 -21.42
CA ASP B 118 -23.96 -10.41 -21.20
C ASP B 118 -24.26 -10.39 -19.71
N PHE B 119 -24.16 -9.22 -19.09
CA PHE B 119 -24.42 -9.09 -17.66
C PHE B 119 -25.04 -7.73 -17.36
N TRP B 120 -25.48 -7.55 -16.12
CA TRP B 120 -26.12 -6.31 -15.70
C TRP B 120 -25.33 -5.64 -14.56
N ARG B 122 -25.80 -2.40 -11.50
CA ARG B 122 -26.74 -1.52 -10.83
C ARG B 122 -25.98 -0.68 -9.82
N VAL B 123 -26.22 0.63 -9.86
CA VAL B 123 -25.58 1.53 -8.93
C VAL B 123 -26.67 2.31 -8.22
N THR B 124 -26.59 2.37 -6.89
CA THR B 124 -27.57 3.11 -6.11
C THR B 124 -26.81 4.15 -5.34
N SER B 125 -27.23 5.39 -5.49
CA SER B 125 -26.60 6.50 -4.81
C SER B 125 -27.63 7.32 -4.06
N LYS B 126 -27.81 7.00 -2.78
CA LYS B 126 -28.75 7.76 -1.95
C LYS B 126 -27.98 8.27 -0.75
N SER B 127 -28.11 9.58 -0.49
CA SER B 127 -27.39 10.24 0.57
C SER B 127 -25.95 10.31 0.06
N ASP B 128 -25.01 9.86 0.87
CA ASP B 128 -23.61 9.89 0.47
C ASP B 128 -23.11 8.46 0.29
N VAL B 129 -24.05 7.53 0.20
CA VAL B 129 -23.72 6.13 0.04
C VAL B 129 -23.80 5.65 -1.39
N ILE B 130 -22.88 4.77 -1.75
CA ILE B 130 -22.86 4.19 -3.08
C ILE B 130 -22.92 2.69 -2.88
N ARG B 131 -23.88 2.05 -3.51
CA ARG B 131 -24.04 0.60 -3.43
C ARG B 131 -23.93 0.10 -4.87
N ILE B 132 -23.00 -0.80 -5.14
CA ILE B 132 -22.83 -1.32 -6.48
C ILE B 132 -23.09 -2.82 -6.48
N GLN B 133 -23.96 -3.25 -7.40
CA GLN B 133 -24.30 -4.66 -7.52
C GLN B 133 -24.22 -5.06 -9.00
N TYR B 134 -24.21 -6.36 -9.24
CA TYR B 134 -24.17 -6.87 -10.60
C TYR B 134 -25.14 -8.04 -10.67
N SER B 135 -25.41 -8.52 -11.87
CA SER B 135 -26.33 -9.62 -12.04
C SER B 135 -25.90 -10.40 -13.28
N ILE B 136 -26.12 -11.72 -13.26
CA ILE B 136 -25.77 -12.55 -14.40
C ILE B 136 -27.03 -13.04 -15.10
N ASP B 137 -28.18 -12.79 -14.49
CA ASP B 137 -29.44 -13.24 -15.07
C ASP B 137 -30.52 -12.18 -15.09
N GLY B 138 -30.19 -10.98 -14.61
CA GLY B 138 -31.15 -9.90 -14.58
C GLY B 138 -32.19 -10.05 -13.48
N LYS B 139 -32.02 -11.06 -12.63
CA LYS B 139 -32.95 -11.31 -11.54
C LYS B 139 -32.31 -11.18 -10.16
N ASN B 140 -31.12 -11.75 -10.01
CA ASN B 140 -30.39 -11.69 -8.74
C ASN B 140 -29.28 -10.66 -8.81
N TRP B 141 -29.23 -9.78 -7.79
CA TRP B 141 -28.24 -8.73 -7.75
C TRP B 141 -27.30 -8.75 -6.56
N PRO B 142 -26.26 -9.60 -6.62
CA PRO B 142 -25.30 -9.68 -5.52
C PRO B 142 -24.55 -8.35 -5.32
N LEU B 143 -24.14 -8.08 -4.09
CA LEU B 143 -23.42 -6.85 -3.77
C LEU B 143 -21.98 -6.97 -4.27
N LEU B 144 -21.43 -5.84 -4.71
CA LEU B 144 -20.08 -5.81 -5.23
C LEU B 144 -19.23 -4.86 -4.39
N ARG B 145 -19.77 -3.68 -4.13
CA ARG B 145 -19.08 -2.69 -3.32
C ARG B 145 -20.09 -1.78 -2.60
N LEU B 146 -19.72 -1.34 -1.41
CA LEU B 146 -20.56 -0.43 -0.61
C LEU B 146 -19.65 0.56 0.09
N CYS B 147 -19.69 1.82 -0.33
CA CYS B 147 -18.82 2.84 0.26
C CYS B 147 -19.57 4.17 0.30
N THR B 148 -18.88 5.24 0.67
CA THR B 148 -19.48 6.57 0.71
C THR B 148 -18.82 7.37 -0.41
N TRP B 149 -19.62 8.14 -1.13
CA TRP B 149 -19.19 8.96 -2.27
C TRP B 149 -18.02 9.88 -1.93
N PRO B 150 -16.94 9.83 -2.74
CA PRO B 150 -15.77 10.67 -2.51
C PRO B 150 -15.83 12.06 -3.15
N GLY B 151 -16.83 12.26 -4.01
CA GLY B 151 -16.98 13.54 -4.68
C GLY B 151 -17.91 14.52 -4.00
N THR B 152 -18.53 15.38 -4.81
CA THR B 152 -19.43 16.40 -4.29
C THR B 152 -20.89 16.12 -4.68
N ARG B 153 -21.67 17.19 -4.77
CA ARG B 153 -23.08 17.10 -5.13
C ARG B 153 -23.27 16.55 -6.54
N LYS B 154 -22.63 17.19 -7.51
CA LYS B 154 -22.73 16.77 -8.90
C LYS B 154 -22.03 15.45 -9.15
N ARG B 155 -22.81 14.46 -9.58
CA ARG B 155 -22.27 13.14 -9.87
C ARG B 155 -22.60 12.86 -11.33
N PHE B 156 -21.62 12.38 -12.08
CA PHE B 156 -21.80 12.04 -13.47
C PHE B 156 -22.01 10.52 -13.51
N ILE B 157 -23.19 10.08 -13.93
CA ILE B 157 -23.50 8.65 -13.98
C ILE B 157 -23.64 8.18 -15.43
N GLY B 158 -22.98 7.07 -15.77
CA GLY B 158 -23.05 6.58 -17.13
C GLY B 158 -22.39 5.24 -17.41
N VAL B 159 -22.44 4.83 -18.69
CA VAL B 159 -21.84 3.58 -19.12
C VAL B 159 -20.38 3.81 -19.53
N CYS B 161 -16.40 2.09 -21.08
CA CYS B 161 -15.64 1.11 -21.85
C CYS B 161 -14.15 1.47 -21.89
N CYS B 162 -13.27 0.50 -21.64
CA CYS B 162 -11.81 0.73 -21.62
C CYS B 162 -10.98 -0.32 -22.34
N SER B 163 -9.89 0.14 -22.96
CA SER B 163 -8.96 -0.72 -23.68
C SER B 163 -7.55 -0.31 -23.29
N PRO B 164 -7.11 -0.70 -22.08
CA PRO B 164 -5.77 -0.34 -21.61
C PRO B 164 -4.61 -0.84 -22.49
N LYS B 165 -4.74 -2.03 -23.06
CA LYS B 165 -3.67 -2.60 -23.88
C LYS B 165 -4.03 -2.80 -25.34
N ARG B 166 -5.21 -2.37 -25.74
CA ARG B 166 -5.64 -2.55 -27.13
C ARG B 166 -6.50 -1.38 -27.60
N LYS B 167 -7.23 -1.66 -28.67
CA LYS B 167 -8.12 -0.69 -29.28
C LYS B 167 -9.27 -1.50 -29.91
N GLY B 168 -10.45 -0.92 -29.95
CA GLY B 168 -11.57 -1.61 -30.57
C GLY B 168 -12.55 -2.39 -29.71
N LEU B 169 -12.38 -2.46 -28.40
CA LEU B 169 -13.35 -3.20 -27.59
C LEU B 169 -14.73 -2.56 -27.82
N SER B 170 -15.66 -3.32 -28.37
CA SER B 170 -16.99 -2.80 -28.64
C SER B 170 -17.97 -3.21 -27.54
N ALA B 171 -18.56 -2.24 -26.87
CA ALA B 171 -19.49 -2.52 -25.79
C ALA B 171 -20.88 -1.98 -26.07
N GLU B 172 -21.89 -2.85 -25.99
CA GLU B 172 -23.26 -2.44 -26.23
C GLU B 172 -24.01 -2.33 -24.89
N PHE B 173 -24.65 -1.19 -24.67
CA PHE B 173 -25.41 -0.95 -23.45
C PHE B 173 -26.90 -0.80 -23.76
N THR B 174 -27.72 -1.65 -23.16
CA THR B 174 -29.16 -1.61 -23.38
C THR B 174 -29.92 -1.66 -22.05
N GLU B 175 -31.24 -1.57 -22.13
CA GLU B 175 -32.07 -1.62 -20.92
C GLU B 175 -31.56 -0.65 -19.86
N ILE B 176 -31.16 0.53 -20.30
CA ILE B 176 -30.65 1.56 -19.41
C ILE B 176 -31.82 2.17 -18.63
N LEU B 177 -31.68 2.26 -17.31
CA LEU B 177 -32.69 2.85 -16.42
C LEU B 177 -32.05 3.78 -15.42
N LEU B 178 -32.50 5.03 -15.38
CA LEU B 178 -31.97 6.02 -14.46
C LEU B 178 -33.12 6.70 -13.72
N THR B 179 -33.36 6.29 -12.47
CA THR B 179 -34.44 6.83 -11.68
C THR B 179 -33.98 7.50 -10.39
N THR B 180 -34.92 8.18 -9.75
CA THR B 180 -34.73 8.89 -8.49
C THR B 180 -36.09 8.79 -7.81
N PRO B 181 -36.10 8.74 -6.47
CA PRO B 181 -37.38 8.64 -5.76
C PRO B 181 -38.19 9.92 -5.91
N ASN C 4 3.44 -8.30 21.13
CA ASN C 4 2.22 -9.09 20.79
C ASN C 4 1.11 -8.80 21.79
N THR C 5 0.04 -8.17 21.32
CA THR C 5 -1.08 -7.84 22.19
C THR C 5 -2.44 -8.01 21.54
N TRP C 6 -3.48 -7.63 22.28
CA TRP C 6 -4.85 -7.74 21.81
C TRP C 6 -5.49 -6.38 21.53
N ILE C 7 -6.55 -6.42 20.73
CA ILE C 7 -7.40 -5.29 20.40
C ILE C 7 -8.74 -5.94 20.67
N ASN C 8 -9.32 -5.61 21.83
CA ASN C 8 -10.59 -6.17 22.28
C ASN C 8 -10.44 -7.66 22.56
N ARG C 9 -9.49 -7.97 23.45
CA ARG C 9 -9.21 -9.33 23.87
C ARG C 9 -10.55 -9.99 24.23
N PRO C 10 -10.80 -11.19 23.71
CA PRO C 10 -12.06 -11.86 24.01
C PRO C 10 -12.00 -12.59 25.33
N GLU C 11 -13.13 -13.13 25.76
CA GLU C 11 -13.23 -13.86 27.02
C GLU C 11 -12.45 -15.17 26.95
N TYR C 12 -12.64 -15.91 25.87
CA TYR C 12 -11.93 -17.19 25.70
C TYR C 12 -10.96 -17.12 24.54
N SER C 13 -9.79 -17.74 24.70
CA SER C 13 -8.78 -17.77 23.66
C SER C 13 -7.60 -18.66 24.03
N GLU C 14 -6.69 -18.84 23.09
CA GLU C 14 -5.49 -19.66 23.29
C GLU C 14 -4.38 -19.01 22.49
N VAL C 15 -3.21 -18.87 23.11
CA VAL C 15 -2.07 -18.26 22.43
C VAL C 15 -0.83 -19.13 22.64
N SER C 16 -0.45 -19.87 21.60
CA SER C 16 0.73 -20.74 21.66
C SER C 16 1.80 -20.12 20.79
N GLU C 17 2.97 -20.76 20.70
CA GLU C 17 4.05 -20.21 19.89
C GLU C 17 3.73 -20.23 18.40
N ASP C 18 2.95 -21.22 17.96
CA ASP C 18 2.61 -21.31 16.54
C ASP C 18 1.13 -21.63 16.30
N ARG C 19 0.26 -21.15 17.18
CA ARG C 19 -1.16 -21.36 17.05
C ARG C 19 -1.96 -20.37 17.90
N ILE C 20 -3.00 -19.80 17.31
CA ILE C 20 -3.83 -18.83 18.02
C ILE C 20 -5.30 -19.14 17.80
N VAL C 21 -6.04 -19.24 18.91
CA VAL C 21 -7.46 -19.52 18.84
C VAL C 21 -8.23 -18.36 19.44
N ILE C 22 -9.16 -17.82 18.65
CA ILE C 22 -10.00 -16.73 19.12
C ILE C 22 -11.45 -17.16 19.15
N VAL C 23 -12.08 -17.05 20.32
CA VAL C 23 -13.48 -17.39 20.45
C VAL C 23 -14.17 -16.05 20.64
N SER C 24 -15.00 -15.67 19.67
CA SER C 24 -15.67 -14.38 19.71
C SER C 24 -16.64 -14.18 20.86
N ASP C 25 -16.77 -12.92 21.28
CA ASP C 25 -17.70 -12.55 22.33
C ASP C 25 -18.98 -12.16 21.58
N ALA C 26 -20.07 -11.96 22.30
CA ALA C 26 -21.35 -11.62 21.68
C ALA C 26 -21.35 -10.30 20.92
N ASN C 27 -22.00 -10.29 19.77
CA ASN C 27 -22.15 -9.09 18.95
C ASN C 27 -20.89 -8.25 18.77
N THR C 28 -19.85 -8.87 18.23
CA THR C 28 -18.59 -8.21 17.98
C THR C 28 -18.46 -7.93 16.49
N ASP C 29 -17.91 -6.77 16.15
CA ASP C 29 -17.78 -6.42 14.75
C ASP C 29 -16.92 -5.18 14.49
N PHE C 30 -16.62 -4.92 13.21
CA PHE C 30 -15.83 -3.76 12.81
C PHE C 30 -16.54 -3.08 11.65
N TRP C 31 -17.01 -1.85 11.87
CA TRP C 31 -17.69 -1.10 10.83
C TRP C 31 -17.80 0.36 11.21
N GLU C 32 -17.64 1.23 10.22
CA GLU C 32 -17.67 2.66 10.48
C GLU C 32 -18.62 3.48 9.58
N ASN C 33 -19.75 3.89 10.17
CA ASN C 33 -20.73 4.75 9.52
C ASN C 33 -21.47 4.33 8.26
N THR C 34 -20.74 4.22 7.15
CA THR C 34 -21.32 3.88 5.85
C THR C 34 -22.61 3.07 5.83
N TYR C 35 -23.67 3.70 5.33
CA TYR C 35 -24.98 3.07 5.19
C TYR C 35 -25.70 2.64 6.47
N TYR C 36 -25.10 1.75 7.24
CA TYR C 36 -25.72 1.24 8.47
C TYR C 36 -25.87 2.28 9.59
N ASP C 37 -25.08 3.35 9.51
CA ASP C 37 -25.13 4.43 10.48
C ASP C 37 -24.74 4.11 11.93
N PHE C 38 -23.89 3.11 12.10
CA PHE C 38 -23.40 2.78 13.43
C PHE C 38 -21.90 2.62 13.37
N SER C 39 -21.25 2.73 14.51
CA SER C 39 -19.81 2.59 14.58
C SER C 39 -19.48 1.43 15.49
N HIS C 40 -19.03 0.32 14.90
CA HIS C 40 -18.67 -0.85 15.69
C HIS C 40 -17.15 -1.02 15.70
N TYR C 41 -16.58 -1.19 16.87
CA TYR C 41 -15.14 -1.40 17.02
C TYR C 41 -14.98 -2.36 18.19
N THR C 42 -15.61 -3.52 18.07
CA THR C 42 -15.58 -4.52 19.13
C THR C 42 -15.03 -5.87 18.69
N GLY C 43 -14.56 -5.96 17.45
CA GLY C 43 -14.00 -7.20 16.96
C GLY C 43 -12.70 -7.56 17.65
N HIS C 44 -12.35 -8.85 17.65
CA HIS C 44 -11.14 -9.31 18.30
C HIS C 44 -9.96 -9.40 17.33
N VAL C 45 -8.82 -8.89 17.76
CA VAL C 45 -7.61 -8.93 16.94
C VAL C 45 -6.40 -9.22 17.82
N TYR C 46 -5.57 -10.17 17.37
CA TYR C 46 -4.36 -10.51 18.11
C TYR C 46 -3.18 -10.33 17.16
N GLY C 47 -2.25 -9.46 17.54
CA GLY C 47 -1.10 -9.22 16.69
C GLY C 47 -0.09 -8.29 17.34
N LYS C 48 0.53 -7.44 16.52
CA LYS C 48 1.52 -6.51 17.04
C LYS C 48 1.70 -5.29 16.14
N GLU C 49 2.20 -4.22 16.73
CA GLU C 49 2.44 -3.01 15.97
C GLU C 49 3.81 -3.07 15.32
N THR C 50 3.90 -2.48 14.12
CA THR C 50 5.15 -2.43 13.39
C THR C 50 5.14 -1.11 12.63
N GLU C 51 6.33 -0.57 12.39
CA GLU C 51 6.43 0.69 11.66
C GLU C 51 7.22 0.51 10.37
N SER C 52 7.38 -0.74 9.95
CA SER C 52 8.11 -1.04 8.72
C SER C 52 7.24 -1.86 7.77
N ASP C 53 7.68 -1.97 6.53
CA ASP C 53 6.96 -2.74 5.52
C ASP C 53 6.95 -4.20 5.96
N PHE C 54 6.00 -4.97 5.44
CA PHE C 54 5.92 -6.37 5.84
C PHE C 54 5.00 -7.16 4.94
N THR C 55 5.04 -8.47 5.11
CA THR C 55 4.17 -9.38 4.40
C THR C 55 3.68 -10.29 5.53
N PHE C 56 2.36 -10.36 5.70
CA PHE C 56 1.75 -11.18 6.74
C PHE C 56 0.96 -12.28 6.04
N GLN C 57 1.04 -13.49 6.58
CA GLN C 57 0.34 -14.63 5.99
C GLN C 57 -0.13 -15.53 7.12
N VAL C 58 -1.33 -16.10 6.96
CA VAL C 58 -1.89 -16.95 8.00
C VAL C 58 -2.90 -17.93 7.43
N ARG C 59 -3.01 -19.09 8.06
CA ARG C 59 -3.97 -20.11 7.65
C ARG C 59 -5.11 -20.07 8.67
N VAL C 60 -6.34 -19.89 8.17
CA VAL C 60 -7.52 -19.76 9.03
C VAL C 60 -8.47 -20.95 9.00
N LYS C 61 -8.86 -21.41 10.19
CA LYS C 61 -9.79 -22.52 10.31
C LYS C 61 -10.87 -22.19 11.32
N ALA C 62 -12.01 -21.69 10.84
CA ALA C 62 -13.12 -21.34 11.72
C ALA C 62 -14.41 -22.06 11.32
N ASP C 63 -15.33 -22.18 12.28
CA ASP C 63 -16.61 -22.84 12.06
C ASP C 63 -17.73 -21.83 11.82
N PHE C 64 -17.75 -21.25 10.63
CA PHE C 64 -18.76 -20.25 10.28
C PHE C 64 -20.17 -20.84 10.32
N SER C 65 -21.14 -20.07 10.79
CA SER C 65 -22.52 -20.56 10.85
C SER C 65 -23.57 -19.46 10.95
N ALA C 66 -23.36 -18.51 11.87
CA ALA C 66 -24.31 -17.43 12.05
C ALA C 66 -24.05 -16.31 11.06
N LEU C 67 -25.09 -15.56 10.76
CA LEU C 67 -25.00 -14.46 9.83
C LEU C 67 -23.91 -13.48 10.26
N TYR C 68 -23.10 -13.09 9.27
CA TYR C 68 -22.01 -12.13 9.45
C TYR C 68 -20.78 -12.62 10.21
N ASP C 69 -20.67 -13.93 10.41
CA ASP C 69 -19.50 -14.47 11.10
C ASP C 69 -18.28 -14.14 10.26
N GLN C 70 -17.25 -13.57 10.90
CA GLN C 70 -16.04 -13.18 10.20
C GLN C 70 -14.77 -13.72 10.84
N ALA C 71 -13.79 -14.03 10.00
CA ALA C 71 -12.50 -14.51 10.47
C ALA C 71 -11.49 -14.24 9.38
N GLY C 72 -10.35 -13.66 9.76
CA GLY C 72 -9.34 -13.35 8.77
C GLY C 72 -8.23 -12.51 9.34
N ILE C 73 -7.92 -11.40 8.69
CA ILE C 73 -6.84 -10.54 9.16
C ILE C 73 -7.30 -9.11 9.38
N PHE C 74 -6.53 -8.35 10.14
CA PHE C 74 -6.87 -6.97 10.45
C PHE C 74 -5.60 -6.10 10.41
N ILE C 75 -5.75 -4.86 9.97
CA ILE C 75 -4.62 -3.92 9.94
C ILE C 75 -5.14 -2.62 10.53
N GLY C 76 -4.66 -2.27 11.72
CA GLY C 76 -5.14 -1.07 12.37
C GLY C 76 -4.22 0.13 12.43
N GLY C 77 -4.83 1.31 12.36
CA GLY C 77 -4.10 2.56 12.45
C GLY C 77 -4.71 3.31 13.63
N THR C 78 -6.00 3.56 13.54
CA THR C 78 -6.75 4.22 14.60
C THR C 78 -8.11 3.58 14.56
N GLU C 79 -9.04 4.05 15.38
CA GLU C 79 -10.38 3.47 15.38
C GLU C 79 -11.19 3.87 14.17
N THR C 80 -10.68 4.85 13.41
CA THR C 80 -11.34 5.33 12.20
C THR C 80 -10.43 5.17 10.99
N ALA C 81 -9.39 4.38 11.14
CA ALA C 81 -8.44 4.12 10.05
C ALA C 81 -7.94 2.71 10.23
N TRP C 82 -8.55 1.77 9.50
CA TRP C 82 -8.18 0.38 9.58
C TRP C 82 -8.65 -0.40 8.37
N ILE C 83 -8.26 -1.68 8.30
CA ILE C 83 -8.62 -2.54 7.18
C ILE C 83 -8.78 -3.97 7.69
N LYS C 84 -9.87 -4.62 7.27
CA LYS C 84 -10.09 -6.01 7.67
C LYS C 84 -10.41 -6.79 6.40
N ALA C 85 -10.15 -8.09 6.40
CA ALA C 85 -10.43 -8.92 5.23
C ALA C 85 -10.46 -10.40 5.60
N GLY C 86 -11.31 -11.16 4.93
CA GLY C 86 -11.43 -12.57 5.20
C GLY C 86 -12.80 -13.09 4.78
N ILE C 87 -13.20 -14.23 5.31
CA ILE C 87 -14.49 -14.82 4.98
C ILE C 87 -15.59 -14.22 5.84
N GLU C 88 -16.80 -14.17 5.29
CA GLU C 88 -17.95 -13.65 6.00
C GLU C 88 -19.17 -14.48 5.60
N PHE C 89 -19.86 -15.03 6.58
CA PHE C 89 -21.04 -15.83 6.29
C PHE C 89 -22.24 -14.93 6.05
N ASN C 90 -23.08 -15.32 5.11
CA ASN C 90 -24.28 -14.55 4.76
C ASN C 90 -25.24 -15.42 3.97
N ASP C 91 -26.49 -15.48 4.47
CA ASP C 91 -27.58 -16.28 3.89
C ASP C 91 -27.36 -17.74 4.24
N GLY C 92 -26.18 -18.18 3.87
CA GLY C 92 -25.70 -19.54 4.00
C GLY C 92 -24.35 -19.49 3.30
N GLN C 93 -24.35 -19.21 2.01
CA GLN C 93 -23.13 -19.13 1.21
C GLN C 93 -22.04 -18.26 1.87
N PRO C 94 -20.77 -18.70 1.80
CA PRO C 94 -19.67 -17.94 2.39
C PRO C 94 -19.03 -17.02 1.36
N SER C 95 -18.70 -15.80 1.77
CA SER C 95 -18.09 -14.84 0.86
C SER C 95 -16.70 -14.44 1.32
N ILE C 96 -15.88 -13.99 0.39
CA ILE C 96 -14.54 -13.50 0.69
C ILE C 96 -14.57 -12.01 0.39
N GLY C 97 -14.19 -11.20 1.35
CA GLY C 97 -14.23 -9.78 1.12
C GLY C 97 -13.24 -8.97 1.93
N CYS C 98 -13.42 -7.67 1.87
CA CYS C 98 -12.52 -6.77 2.56
C CYS C 98 -13.22 -5.46 2.85
N VAL C 99 -12.80 -4.81 3.92
CA VAL C 99 -13.34 -3.52 4.30
C VAL C 99 -12.19 -2.58 4.61
N VAL C 100 -12.12 -1.47 3.89
CA VAL C 100 -11.08 -0.45 4.09
C VAL C 100 -11.78 0.74 4.71
N THR C 101 -11.38 1.08 5.93
CA THR C 101 -11.98 2.19 6.64
C THR C 101 -11.05 3.37 6.82
N ASN C 102 -11.39 4.45 6.14
CA ASN C 102 -10.63 5.67 6.20
C ASN C 102 -11.69 6.69 6.60
N ASN C 103 -11.97 6.76 7.90
CA ASN C 103 -13.00 7.62 8.46
C ASN C 103 -14.35 6.97 8.19
N ASN C 104 -14.48 6.37 7.00
CA ASN C 104 -15.71 5.66 6.62
C ASN C 104 -15.35 4.32 6.02
N SER C 105 -16.20 3.32 6.27
CA SER C 105 -15.95 1.98 5.75
C SER C 105 -16.33 1.85 4.29
N ASP C 106 -15.45 1.21 3.53
CA ASP C 106 -15.66 0.97 2.11
C ASP C 106 -15.48 -0.52 1.93
N TRP C 107 -16.58 -1.27 1.76
CA TRP C 107 -16.40 -2.69 1.60
C TRP C 107 -16.75 -3.32 0.29
N SER C 108 -15.97 -4.34 -0.03
CA SER C 108 -16.12 -5.11 -1.25
C SER C 108 -16.31 -6.54 -0.82
N THR C 109 -17.02 -7.31 -1.63
CA THR C 109 -17.26 -8.69 -1.29
C THR C 109 -17.41 -9.49 -2.56
N GLY C 110 -17.48 -10.81 -2.41
CA GLY C 110 -17.63 -11.67 -3.57
C GLY C 110 -17.59 -13.14 -3.24
N LEU C 111 -17.64 -13.94 -4.29
CA LEU C 111 -17.62 -15.39 -4.16
C LEU C 111 -16.33 -15.98 -3.61
N PHE C 112 -16.47 -16.96 -2.73
CA PHE C 112 -15.33 -17.67 -2.19
C PHE C 112 -15.50 -19.10 -2.69
N PRO C 113 -14.56 -19.59 -3.52
CA PRO C 113 -14.63 -20.94 -4.07
C PRO C 113 -14.09 -22.06 -3.17
N GLY C 114 -13.00 -21.80 -2.44
CA GLY C 114 -12.41 -22.80 -1.58
C GLY C 114 -13.24 -23.35 -0.42
N ASN C 115 -12.54 -23.94 0.54
CA ASN C 115 -13.13 -24.55 1.74
C ASN C 115 -13.25 -23.46 2.81
N PRO C 116 -14.48 -22.99 3.07
CA PRO C 116 -14.68 -21.94 4.08
C PRO C 116 -14.03 -22.21 5.44
N GLY C 117 -13.81 -23.48 5.76
CA GLY C 117 -13.22 -23.82 7.04
C GLY C 117 -11.71 -24.03 7.02
N ASP C 118 -11.05 -23.65 5.92
CA ASP C 118 -9.60 -23.81 5.82
C ASP C 118 -9.06 -23.02 4.64
N PHE C 119 -8.59 -21.80 4.89
CA PHE C 119 -8.07 -20.96 3.82
C PHE C 119 -6.91 -20.12 4.31
N TRP C 120 -6.25 -19.42 3.40
CA TRP C 120 -5.10 -18.59 3.75
C TRP C 120 -5.34 -17.12 3.39
N ARG C 122 -3.13 -13.26 2.96
CA ARG C 122 -1.81 -12.65 2.83
C ARG C 122 -1.99 -11.15 2.67
N VAL C 123 -1.23 -10.40 3.46
CA VAL C 123 -1.30 -8.94 3.38
C VAL C 123 0.10 -8.43 3.17
N THR C 124 0.27 -7.54 2.19
CA THR C 124 1.58 -6.99 1.91
C THR C 124 1.44 -5.49 2.05
N SER C 125 2.32 -4.92 2.86
CA SER C 125 2.29 -3.49 3.11
C SER C 125 3.68 -2.92 2.87
N LYS C 126 3.92 -2.42 1.66
CA LYS C 126 5.20 -1.81 1.35
C LYS C 126 4.91 -0.40 0.86
N SER C 127 5.61 0.57 1.43
CA SER C 127 5.41 1.98 1.10
C SER C 127 4.05 2.30 1.74
N ASP C 128 3.15 2.90 0.96
CA ASP C 128 1.83 3.26 1.48
C ASP C 128 0.78 2.40 0.81
N VAL C 129 1.23 1.32 0.18
CA VAL C 129 0.34 0.41 -0.52
C VAL C 129 -0.01 -0.84 0.30
N ILE C 130 -1.26 -1.28 0.17
CA ILE C 130 -1.73 -2.46 0.86
C ILE C 130 -2.27 -3.38 -0.22
N ARG C 131 -1.77 -4.60 -0.26
CA ARG C 131 -2.19 -5.61 -1.24
C ARG C 131 -2.72 -6.77 -0.43
N ILE C 132 -3.98 -7.14 -0.65
CA ILE C 132 -4.56 -8.24 0.11
C ILE C 132 -4.94 -9.37 -0.83
N GLN C 133 -4.47 -10.57 -0.51
CA GLN C 133 -4.75 -11.75 -1.32
C GLN C 133 -5.24 -12.88 -0.42
N TYR C 134 -5.80 -13.91 -1.03
CA TYR C 134 -6.26 -15.06 -0.28
C TYR C 134 -5.87 -16.29 -1.08
N SER C 135 -6.00 -17.47 -0.48
CA SER C 135 -5.66 -18.70 -1.14
C SER C 135 -6.54 -19.80 -0.59
N ILE C 136 -6.90 -20.76 -1.45
CA ILE C 136 -7.75 -21.88 -1.04
C ILE C 136 -6.93 -23.16 -0.97
N ASP C 137 -5.70 -23.10 -1.47
CA ASP C 137 -4.85 -24.28 -1.48
C ASP C 137 -3.44 -24.01 -0.97
N GLY C 138 -3.17 -22.79 -0.53
CA GLY C 138 -1.85 -22.45 -0.02
C GLY C 138 -0.80 -22.28 -1.11
N LYS C 139 -1.22 -22.40 -2.36
CA LYS C 139 -0.32 -22.28 -3.50
C LYS C 139 -0.63 -21.08 -4.39
N ASN C 140 -1.91 -20.88 -4.68
CA ASN C 140 -2.34 -19.76 -5.54
C ASN C 140 -2.93 -18.64 -4.70
N TRP C 141 -2.46 -17.41 -4.95
CA TRP C 141 -2.91 -16.25 -4.19
C TRP C 141 -3.58 -15.15 -5.00
N PRO C 142 -4.87 -15.34 -5.31
CA PRO C 142 -5.58 -14.32 -6.09
C PRO C 142 -5.68 -13.00 -5.32
N LEU C 143 -5.74 -11.90 -6.05
CA LEU C 143 -5.84 -10.58 -5.46
C LEU C 143 -7.25 -10.37 -4.95
N LEU C 144 -7.36 -9.66 -3.84
CA LEU C 144 -8.65 -9.38 -3.22
C LEU C 144 -8.88 -7.87 -3.20
N ARG C 145 -7.88 -7.13 -2.74
CA ARG C 145 -7.96 -5.68 -2.66
C ARG C 145 -6.57 -5.05 -2.79
N LEU C 146 -6.52 -3.87 -3.40
CA LEU C 146 -5.29 -3.12 -3.59
C LEU C 146 -5.61 -1.64 -3.38
N CYS C 147 -5.12 -1.06 -2.29
CA CYS C 147 -5.39 0.34 -1.99
C CYS C 147 -4.16 0.95 -1.31
N THR C 148 -4.30 2.19 -0.84
CA THR C 148 -3.19 2.84 -0.15
C THR C 148 -3.64 2.96 1.30
N TRP C 149 -2.70 2.72 2.21
CA TRP C 149 -2.94 2.77 3.66
C TRP C 149 -3.57 4.10 4.13
N PRO C 150 -4.68 4.02 4.87
CA PRO C 150 -5.36 5.22 5.37
C PRO C 150 -4.82 5.75 6.71
N GLY C 151 -3.98 4.93 7.36
CA GLY C 151 -3.43 5.33 8.65
C GLY C 151 -2.08 6.02 8.58
N THR C 152 -1.30 5.87 9.66
CA THR C 152 0.01 6.50 9.73
C THR C 152 1.13 5.47 9.66
N ARG C 153 2.26 5.80 10.28
CA ARG C 153 3.42 4.91 10.31
C ARG C 153 3.15 3.61 11.05
N LYS C 154 2.66 3.73 12.28
CA LYS C 154 2.37 2.55 13.10
C LYS C 154 1.16 1.81 12.57
N ARG C 155 1.38 0.55 12.21
CA ARG C 155 0.31 -0.31 11.70
C ARG C 155 0.26 -1.52 12.62
N PHE C 156 -0.94 -1.89 13.03
CA PHE C 156 -1.13 -3.04 13.88
C PHE C 156 -1.57 -4.17 12.96
N ILE C 157 -0.77 -5.22 12.84
CA ILE C 157 -1.09 -6.34 11.96
C ILE C 157 -1.38 -7.60 12.77
N GLY C 158 -2.48 -8.28 12.47
CA GLY C 158 -2.81 -9.49 13.20
C GLY C 158 -4.00 -10.29 12.69
N VAL C 159 -4.33 -11.35 13.43
CA VAL C 159 -5.46 -12.21 13.08
C VAL C 159 -6.73 -11.68 13.75
N CYS C 161 -11.29 -12.13 14.44
CA CYS C 161 -12.48 -12.95 14.53
C CYS C 161 -13.69 -12.11 15.01
N CYS C 162 -14.83 -12.24 14.34
CA CYS C 162 -16.05 -11.47 14.69
C CYS C 162 -17.34 -12.28 14.72
N SER C 163 -18.23 -11.89 15.63
CA SER C 163 -19.52 -12.53 15.80
C SER C 163 -20.57 -11.42 15.95
N PRO C 164 -20.92 -10.76 14.83
CA PRO C 164 -21.91 -9.68 14.89
C PRO C 164 -23.28 -10.07 15.42
N LYS C 165 -23.75 -11.28 15.11
CA LYS C 165 -25.07 -11.71 15.55
C LYS C 165 -25.07 -12.89 16.51
N ARG C 166 -23.89 -13.35 16.91
CA ARG C 166 -23.82 -14.50 17.82
C ARG C 166 -22.65 -14.34 18.78
N LYS C 167 -22.26 -15.48 19.34
CA LYS C 167 -21.16 -15.57 20.29
C LYS C 167 -20.56 -16.96 20.11
N GLY C 168 -19.27 -17.09 20.33
CA GLY C 168 -18.65 -18.40 20.23
C GLY C 168 -17.94 -18.83 18.94
N LEU C 169 -17.90 -18.01 17.91
CA LEU C 169 -17.20 -18.43 16.71
C LEU C 169 -15.75 -18.69 17.09
N SER C 170 -15.29 -19.92 16.91
CA SER C 170 -13.94 -20.29 17.27
C SER C 170 -13.06 -20.33 16.02
N ALA C 171 -12.03 -19.49 16.01
CA ALA C 171 -11.14 -19.42 14.87
C ALA C 171 -9.71 -19.79 15.22
N GLU C 172 -9.15 -20.76 14.49
CA GLU C 172 -7.78 -21.20 14.72
C GLU C 172 -6.86 -20.63 13.65
N PHE C 173 -5.76 -20.00 14.08
CA PHE C 173 -4.80 -19.40 13.16
C PHE C 173 -3.46 -20.11 13.31
N THR C 174 -2.95 -20.65 12.20
CA THR C 174 -1.68 -21.35 12.19
C THR C 174 -0.82 -20.88 11.03
N GLU C 175 0.40 -21.44 10.93
CA GLU C 175 1.32 -21.07 9.86
C GLU C 175 1.43 -19.56 9.72
N ILE C 176 1.45 -18.87 10.86
CA ILE C 176 1.57 -17.42 10.87
C ILE C 176 3.00 -17.02 10.50
N LEU C 177 3.14 -16.06 9.59
CA LEU C 177 4.45 -15.62 9.14
C LEU C 177 4.48 -14.12 8.90
N LEU C 178 5.37 -13.42 9.60
CA LEU C 178 5.50 -11.98 9.44
C LEU C 178 6.92 -11.67 8.97
N THR C 179 7.07 -11.41 7.67
CA THR C 179 8.37 -11.11 7.08
C THR C 179 8.42 -9.74 6.41
N THR C 180 9.41 -9.54 5.54
CA THR C 180 9.58 -8.27 4.83
C THR C 180 8.75 -8.24 3.55
#